data_4J8L
#
_entry.id   4J8L
#
_cell.length_a   134.915
_cell.length_b   134.915
_cell.length_c   75.142
_cell.angle_alpha   90.00
_cell.angle_beta   90.00
_cell.angle_gamma   120.00
#
_symmetry.space_group_name_H-M   'P 62 2 2'
#
loop_
_entity.id
_entity.type
_entity.pdbx_description
1 polymer 'Uncharacterized protein YhfS'
2 non-polymer 'NICKEL (II) ION'
3 non-polymer 'ACETIC ACID'
4 non-polymer DI(HYDROXYETHYL)ETHER
5 water water
#
_entity_poly.entity_id   1
_entity_poly.type   'polypeptide(L)'
_entity_poly.pdbx_seq_one_letter_code
;(MSE)KTFPLQSLTIIEAQQKQFALVDSICRHFPGSEFLTGGDLGLTPGLNQPRVTQRVEQVLADAFHAQAAALVQGAGT
GAIRAGLAALLKPGQRLLVHDAPVYPTTRVIIEQ(MSE)GLTLITVDFNDLSALKQVVDEQQPDAALVQHTRQQPQDSYV
LADVLATLRAAGVPALTDDNYAV(MSE)KVARIGCECGANVSTFSCF(LLP)LFGPEGVGAVVGDADVINRIRATLYSGG
SQIQGAQALEVLRGLVFAPV(MSE)HAVQAGVSERLLALLNGGAVPEVKSAVIANAQSKVLIVEFHQPIAARVLEEAQKR
GALPYPVGAESKYEIPPLFYRLSGTFRQANPQSEHCAIRINPNRSGEETVLRILRESIASI
;
_entity_poly.pdbx_strand_id   A
#
loop_
_chem_comp.id
_chem_comp.type
_chem_comp.name
_chem_comp.formula
ACY non-polymer 'ACETIC ACID' 'C2 H4 O2'
NI non-polymer 'NICKEL (II) ION' 'Ni 2'
PEG non-polymer DI(HYDROXYETHYL)ETHER 'C4 H10 O3'
#
# COMPACT_ATOMS: atom_id res chain seq x y z
N MSE A 1 -4.10 -12.37 -19.66
CA MSE A 1 -4.87 -11.14 -19.56
C MSE A 1 -3.97 -9.91 -19.50
O MSE A 1 -2.79 -10.02 -19.19
CB MSE A 1 -5.76 -11.18 -18.32
CG MSE A 1 -4.98 -11.10 -17.03
SE MSE A 1 -6.15 -10.78 -15.50
CE MSE A 1 -4.81 -10.61 -14.15
N LYS A 2 -4.54 -8.75 -19.78
CA LYS A 2 -3.77 -7.52 -19.83
C LYS A 2 -3.82 -6.79 -18.50
N THR A 3 -2.66 -6.34 -18.02
CA THR A 3 -2.60 -5.57 -16.80
C THR A 3 -1.71 -4.35 -16.98
N PHE A 4 -1.83 -3.40 -16.06
CA PHE A 4 -0.99 -2.20 -16.08
C PHE A 4 -0.41 -1.99 -14.69
N PRO A 5 0.57 -2.82 -14.32
CA PRO A 5 1.15 -2.72 -12.98
C PRO A 5 1.90 -1.42 -12.76
N LEU A 6 2.03 -1.03 -11.50
CA LEU A 6 2.81 0.15 -11.14
C LEU A 6 4.27 -0.09 -11.50
N GLN A 7 4.99 1.00 -11.72
CA GLN A 7 6.38 0.94 -12.15
C GLN A 7 7.32 0.78 -10.94
N SER A 8 8.00 -0.37 -10.86
CA SER A 8 8.89 -0.66 -9.73
C SER A 8 10.16 0.17 -9.78
N LEU A 9 10.70 0.49 -8.61
CA LEU A 9 12.01 1.12 -8.53
C LEU A 9 13.11 0.12 -8.87
N THR A 10 14.16 0.60 -9.53
CA THR A 10 15.35 -0.21 -9.69
C THR A 10 16.11 -0.24 -8.37
N ILE A 11 17.10 -1.12 -8.27
CA ILE A 11 17.93 -1.18 -7.08
C ILE A 11 18.64 0.16 -6.83
N ILE A 12 19.13 0.80 -7.91
CA ILE A 12 19.78 2.09 -7.76
C ILE A 12 18.80 3.15 -7.28
N GLU A 13 17.61 3.21 -7.88
CA GLU A 13 16.60 4.17 -7.44
C GLU A 13 16.19 3.92 -5.97
N ALA A 14 16.09 2.66 -5.60
CA ALA A 14 15.70 2.28 -4.26
C ALA A 14 16.74 2.72 -3.23
N GLN A 15 18.02 2.55 -3.55
CA GLN A 15 19.10 3.01 -2.67
C GLN A 15 18.97 4.50 -2.42
N GLN A 16 18.67 5.25 -3.47
CA GLN A 16 18.56 6.69 -3.35
C GLN A 16 17.42 7.09 -2.42
N LYS A 17 16.32 6.35 -2.47
CA LYS A 17 15.21 6.60 -1.55
C LYS A 17 15.60 6.27 -0.12
N GLN A 18 16.33 5.17 0.04
CA GLN A 18 16.83 4.78 1.36
C GLN A 18 17.73 5.89 1.90
N PHE A 19 18.67 6.33 1.07
CA PHE A 19 19.64 7.33 1.51
C PHE A 19 18.94 8.64 1.87
N ALA A 20 17.94 9.01 1.08
CA ALA A 20 17.26 10.28 1.31
C ALA A 20 16.50 10.25 2.62
N LEU A 21 15.94 9.09 2.96
CA LEU A 21 15.24 8.94 4.23
C LEU A 21 16.22 9.02 5.39
N VAL A 22 17.36 8.34 5.25
CA VAL A 22 18.37 8.41 6.31
C VAL A 22 18.90 9.84 6.48
N ASP A 23 19.02 10.56 5.37
CA ASP A 23 19.48 11.95 5.44
C ASP A 23 18.53 12.79 6.27
N SER A 24 17.23 12.55 6.07
CA SER A 24 16.23 13.25 6.85
C SER A 24 16.32 12.88 8.33
N ILE A 25 16.56 11.60 8.63
CA ILE A 25 16.75 11.19 10.01
C ILE A 25 17.91 11.98 10.65
N CYS A 26 19.03 12.09 9.93
CA CYS A 26 20.19 12.80 10.47
C CYS A 26 19.86 14.26 10.77
N ARG A 27 19.03 14.85 9.92
CA ARG A 27 18.75 16.28 10.04
C ARG A 27 17.73 16.60 11.14
N HIS A 28 17.08 15.56 11.65
CA HIS A 28 16.06 15.73 12.68
C HIS A 28 16.43 15.12 14.02
N PHE A 29 17.44 14.25 14.04
CA PHE A 29 17.92 13.61 15.26
C PHE A 29 19.42 13.79 15.41
N PRO A 30 19.88 14.57 16.41
CA PRO A 30 21.29 14.45 16.80
C PRO A 30 21.56 12.97 17.09
N GLY A 31 22.74 12.47 16.77
CA GLY A 31 23.01 11.04 16.87
C GLY A 31 22.67 10.43 18.22
N SER A 32 23.03 11.11 19.30
CA SER A 32 22.78 10.58 20.63
C SER A 32 21.28 10.44 20.87
N GLU A 33 20.49 11.34 20.30
CA GLU A 33 19.04 11.28 20.46
C GLU A 33 18.40 10.13 19.69
N PHE A 34 19.03 9.68 18.61
CA PHE A 34 18.52 8.54 17.87
C PHE A 34 18.71 7.23 18.66
N LEU A 35 19.65 7.25 19.59
CA LEU A 35 19.95 6.06 20.38
C LEU A 35 19.27 6.13 21.75
N THR A 36 18.13 6.83 21.83
CA THR A 36 17.46 6.99 23.13
C THR A 36 16.30 6.02 23.40
N GLY A 37 15.96 5.17 22.42
CA GLY A 37 14.95 4.15 22.64
C GLY A 37 13.49 4.57 22.46
N GLY A 38 13.22 5.87 22.50
CA GLY A 38 11.87 6.39 22.28
C GLY A 38 11.07 6.67 23.54
N ASP A 39 10.66 7.92 23.72
CA ASP A 39 9.95 8.33 24.92
C ASP A 39 8.45 7.97 24.86
N LEU A 40 7.75 8.24 25.95
CA LEU A 40 6.39 7.75 26.15
C LEU A 40 5.44 8.88 26.50
N GLY A 41 4.19 8.75 26.05
CA GLY A 41 3.12 9.52 26.65
C GLY A 41 2.84 10.93 26.15
N LEU A 42 2.04 11.64 26.94
CA LEU A 42 1.45 12.90 26.52
C LEU A 42 2.32 14.07 26.96
N THR A 43 3.44 14.26 26.26
CA THR A 43 4.41 15.27 26.68
C THR A 43 3.85 16.68 26.46
N PRO A 44 4.16 17.60 27.37
CA PRO A 44 3.55 18.93 27.33
C PRO A 44 3.80 19.69 26.03
N GLY A 45 2.73 20.28 25.50
CA GLY A 45 2.81 21.06 24.28
C GLY A 45 2.65 20.23 23.02
N LEU A 46 2.88 18.92 23.14
CA LEU A 46 2.79 18.01 21.98
C LEU A 46 1.62 17.03 22.06
N ASN A 47 1.24 16.64 23.27
CA ASN A 47 0.26 15.58 23.51
C ASN A 47 0.65 14.30 22.78
N GLN A 48 1.94 14.01 22.73
CA GLN A 48 2.48 12.80 22.13
C GLN A 48 3.96 12.76 22.52
N PRO A 49 4.61 11.62 22.27
CA PRO A 49 6.06 11.57 22.57
C PRO A 49 6.87 12.51 21.70
N ARG A 50 7.93 13.06 22.29
CA ARG A 50 8.82 13.94 21.56
C ARG A 50 9.43 13.19 20.36
N VAL A 51 9.78 11.93 20.57
CA VAL A 51 10.39 11.16 19.48
C VAL A 51 9.37 10.89 18.36
N THR A 52 8.11 10.69 18.73
CA THR A 52 7.07 10.49 17.73
C THR A 52 6.90 11.73 16.85
N GLN A 53 6.91 12.91 17.47
N GLN A 53 6.93 12.91 17.47
CA GLN A 53 6.87 14.14 16.69
CA GLN A 53 6.87 14.17 16.74
C GLN A 53 8.03 14.17 15.70
C GLN A 53 8.04 14.31 15.76
N ARG A 54 9.23 13.90 16.19
CA ARG A 54 10.41 13.95 15.33
C ARG A 54 10.27 12.99 14.14
N VAL A 55 9.80 11.78 14.41
CA VAL A 55 9.62 10.79 13.36
C VAL A 55 8.61 11.31 12.33
N GLU A 56 7.54 11.91 12.82
CA GLU A 56 6.53 12.49 11.93
C GLU A 56 7.16 13.58 11.05
N GLN A 57 8.04 14.39 11.62
CA GLN A 57 8.75 15.41 10.86
C GLN A 57 9.62 14.76 9.78
N VAL A 58 10.28 13.66 10.13
CA VAL A 58 11.12 12.96 9.16
C VAL A 58 10.27 12.41 8.02
N LEU A 59 9.15 11.78 8.38
CA LEU A 59 8.25 11.24 7.36
C LEU A 59 7.77 12.34 6.41
N ALA A 60 7.35 13.48 6.97
CA ALA A 60 6.88 14.58 6.13
C ALA A 60 7.98 15.02 5.17
N ASP A 61 9.18 15.21 5.71
CA ASP A 61 10.31 15.65 4.92
C ASP A 61 10.63 14.64 3.81
N ALA A 62 10.69 13.36 4.17
CA ALA A 62 11.09 12.31 3.22
C ALA A 62 10.09 12.16 2.08
N PHE A 63 8.82 12.43 2.37
CA PHE A 63 7.79 12.33 1.34
C PHE A 63 7.32 13.69 0.81
N HIS A 64 8.19 14.70 0.97
CA HIS A 64 7.99 16.00 0.33
C HIS A 64 6.66 16.63 0.68
N ALA A 65 6.31 16.53 1.96
CA ALA A 65 5.04 17.02 2.46
C ALA A 65 5.26 18.01 3.59
N GLN A 66 4.22 18.77 3.91
CA GLN A 66 4.30 19.75 4.97
C GLN A 66 4.35 19.11 6.35
N ALA A 67 3.63 18.01 6.51
CA ALA A 67 3.41 17.43 7.83
C ALA A 67 3.04 15.95 7.74
N ALA A 68 3.09 15.27 8.90
CA ALA A 68 2.64 13.90 8.98
C ALA A 68 2.12 13.56 10.37
N ALA A 69 1.27 12.54 10.44
CA ALA A 69 0.81 12.04 11.73
C ALA A 69 0.78 10.52 11.70
N LEU A 70 1.33 9.89 12.72
CA LEU A 70 1.16 8.45 12.89
C LEU A 70 -0.12 8.23 13.69
N VAL A 71 -0.90 7.22 13.31
CA VAL A 71 -2.19 6.96 13.94
C VAL A 71 -2.38 5.46 14.21
N GLN A 72 -3.27 5.14 15.14
CA GLN A 72 -3.65 3.76 15.40
C GLN A 72 -4.53 3.24 14.27
N GLY A 73 -4.64 1.93 14.16
CA GLY A 73 -5.50 1.32 13.16
C GLY A 73 -4.83 1.07 11.81
N ALA A 74 -3.51 1.26 11.75
CA ALA A 74 -2.75 0.98 10.53
C ALA A 74 -3.36 1.67 9.30
N GLY A 75 -3.48 0.95 8.19
CA GLY A 75 -3.93 1.59 6.96
C GLY A 75 -5.37 2.07 7.00
N THR A 76 -6.23 1.24 7.58
CA THR A 76 -7.64 1.59 7.72
C THR A 76 -7.79 2.82 8.64
N GLY A 77 -7.01 2.85 9.72
CA GLY A 77 -7.04 4.00 10.62
C GLY A 77 -6.58 5.28 9.93
N ALA A 78 -5.57 5.15 9.07
CA ALA A 78 -5.06 6.31 8.35
C ALA A 78 -6.09 6.88 7.38
N ILE A 79 -6.77 5.99 6.67
CA ILE A 79 -7.82 6.41 5.73
C ILE A 79 -8.98 7.03 6.49
N ARG A 80 -9.37 6.43 7.61
CA ARG A 80 -10.46 7.02 8.40
C ARG A 80 -10.11 8.43 8.87
N ALA A 81 -8.90 8.59 9.41
CA ALA A 81 -8.49 9.89 9.92
C ALA A 81 -8.40 10.91 8.80
N GLY A 82 -7.84 10.51 7.67
CA GLY A 82 -7.73 11.41 6.53
C GLY A 82 -9.09 11.82 5.97
N LEU A 83 -9.97 10.86 5.76
CA LEU A 83 -11.31 11.20 5.28
C LEU A 83 -12.06 12.12 6.25
N ALA A 84 -11.96 11.82 7.55
CA ALA A 84 -12.65 12.64 8.55
C ALA A 84 -12.15 14.08 8.59
N ALA A 85 -10.91 14.28 8.16
CA ALA A 85 -10.33 15.62 8.11
C ALA A 85 -10.66 16.36 6.81
N LEU A 86 -11.16 15.64 5.80
CA LEU A 86 -11.48 16.25 4.51
C LEU A 86 -12.96 16.52 4.31
N LEU A 87 -13.80 15.72 4.94
CA LEU A 87 -15.23 15.97 4.81
C LEU A 87 -16.06 15.56 6.02
N LYS A 88 -17.31 16.02 6.03
CA LYS A 88 -18.23 15.82 7.14
C LYS A 88 -19.15 14.66 6.82
N PRO A 89 -19.76 14.06 7.85
CA PRO A 89 -20.74 13.00 7.65
C PRO A 89 -21.83 13.48 6.70
N GLY A 90 -22.23 12.63 5.76
CA GLY A 90 -23.33 12.95 4.87
C GLY A 90 -22.89 13.73 3.64
N GLN A 91 -21.60 14.02 3.54
CA GLN A 91 -21.09 14.74 2.38
C GLN A 91 -20.76 13.80 1.23
N ARG A 92 -20.29 14.37 0.13
CA ARG A 92 -20.16 13.60 -1.11
C ARG A 92 -18.71 13.29 -1.46
N LEU A 93 -18.42 12.01 -1.58
CA LEU A 93 -17.07 11.54 -1.86
C LEU A 93 -16.98 10.93 -3.25
N LEU A 94 -16.05 11.42 -4.06
CA LEU A 94 -15.83 10.85 -5.38
C LEU A 94 -14.90 9.63 -5.30
N VAL A 95 -15.32 8.53 -5.92
CA VAL A 95 -14.50 7.34 -6.02
C VAL A 95 -14.49 6.79 -7.45
N HIS A 96 -13.49 5.96 -7.73
CA HIS A 96 -13.33 5.31 -9.03
C HIS A 96 -14.40 4.24 -9.23
N ASP A 97 -14.75 3.97 -10.50
CA ASP A 97 -15.72 2.95 -10.85
C ASP A 97 -15.09 1.56 -10.80
N ALA A 98 -14.91 1.07 -9.58
CA ALA A 98 -14.27 -0.22 -9.32
C ALA A 98 -14.52 -0.53 -7.85
N PRO A 99 -14.33 -1.80 -7.43
CA PRO A 99 -14.58 -2.12 -6.02
C PRO A 99 -13.79 -1.25 -5.03
N VAL A 100 -14.51 -0.64 -4.10
CA VAL A 100 -13.88 0.11 -3.04
C VAL A 100 -13.25 -0.86 -2.04
N TYR A 101 -12.06 -0.53 -1.54
CA TYR A 101 -11.37 -1.39 -0.58
C TYR A 101 -12.30 -1.67 0.59
N PRO A 102 -12.39 -2.92 1.05
CA PRO A 102 -13.47 -3.28 1.98
C PRO A 102 -13.57 -2.45 3.27
N THR A 103 -12.46 -2.23 3.97
CA THR A 103 -12.53 -1.41 5.18
C THR A 103 -12.76 0.06 4.86
N THR A 104 -12.43 0.48 3.65
CA THR A 104 -12.74 1.85 3.23
C THR A 104 -14.25 2.00 3.03
N ARG A 105 -14.88 0.97 2.47
CA ARG A 105 -16.32 0.98 2.34
C ARG A 105 -16.98 1.05 3.72
N VAL A 106 -16.41 0.34 4.69
CA VAL A 106 -16.94 0.37 6.06
C VAL A 106 -16.88 1.80 6.61
N ILE A 107 -15.76 2.48 6.39
CA ILE A 107 -15.59 3.87 6.82
C ILE A 107 -16.63 4.78 6.16
N ILE A 108 -16.80 4.60 4.85
CA ILE A 108 -17.80 5.35 4.08
C ILE A 108 -19.20 5.16 4.65
N GLU A 109 -19.53 3.91 4.98
CA GLU A 109 -20.83 3.60 5.55
C GLU A 109 -20.99 4.20 6.94
N GLN A 110 -19.94 4.12 7.75
CA GLN A 110 -19.99 4.63 9.12
C GLN A 110 -20.06 6.17 9.16
N MSE A 111 -19.63 6.83 8.09
CA MSE A 111 -19.72 8.28 7.99
C MSE A 111 -20.98 8.74 7.25
O MSE A 111 -21.26 9.93 7.18
CB MSE A 111 -18.50 8.88 7.29
CG MSE A 111 -17.20 8.75 8.05
SE MSE A 111 -15.78 9.82 7.21
CE MSE A 111 -16.50 11.61 7.54
N GLY A 112 -21.73 7.80 6.69
CA GLY A 112 -22.94 8.13 5.97
C GLY A 112 -22.68 8.98 4.73
N LEU A 113 -21.52 8.77 4.10
CA LEU A 113 -21.16 9.54 2.92
C LEU A 113 -21.98 9.10 1.72
N THR A 114 -22.19 10.04 0.80
CA THR A 114 -22.79 9.74 -0.48
C THR A 114 -21.66 9.55 -1.48
N LEU A 115 -21.66 8.43 -2.18
CA LEU A 115 -20.61 8.16 -3.16
C LEU A 115 -20.98 8.66 -4.56
N ILE A 116 -20.01 9.31 -5.20
CA ILE A 116 -20.14 9.70 -6.59
C ILE A 116 -19.08 8.91 -7.35
N THR A 117 -19.51 8.18 -8.36
CA THR A 117 -18.61 7.24 -9.04
C THR A 117 -18.33 7.69 -10.47
N VAL A 118 -17.09 7.54 -10.90
CA VAL A 118 -16.70 7.82 -12.28
C VAL A 118 -15.47 6.98 -12.63
N ASP A 119 -15.30 6.66 -13.91
CA ASP A 119 -14.15 5.88 -14.36
C ASP A 119 -12.91 6.76 -14.41
N PHE A 120 -11.99 6.58 -13.46
CA PHE A 120 -10.75 7.38 -13.44
C PHE A 120 -9.90 7.13 -14.67
N ASN A 121 -10.20 6.07 -15.42
CA ASN A 121 -9.45 5.74 -16.62
C ASN A 121 -9.85 6.65 -17.78
N ASP A 122 -10.91 7.42 -17.57
CA ASP A 122 -11.40 8.38 -18.56
C ASP A 122 -11.34 9.76 -17.93
N LEU A 123 -10.25 10.49 -18.19
CA LEU A 123 -10.04 11.79 -17.57
C LEU A 123 -11.10 12.80 -17.98
N SER A 124 -11.61 12.67 -19.20
CA SER A 124 -12.66 13.57 -19.68
C SER A 124 -13.94 13.39 -18.86
N ALA A 125 -14.31 12.14 -18.61
CA ALA A 125 -15.48 11.83 -17.81
C ALA A 125 -15.26 12.27 -16.37
N LEU A 126 -14.05 12.01 -15.85
CA LEU A 126 -13.68 12.44 -14.51
C LEU A 126 -13.93 13.94 -14.35
N LYS A 127 -13.42 14.72 -15.30
CA LYS A 127 -13.56 16.17 -15.25
C LYS A 127 -15.01 16.62 -15.34
N GLN A 128 -15.79 15.97 -16.21
CA GLN A 128 -17.20 16.33 -16.36
C GLN A 128 -17.98 16.02 -15.10
N VAL A 129 -17.77 14.84 -14.53
CA VAL A 129 -18.50 14.43 -13.34
C VAL A 129 -18.17 15.34 -12.16
N VAL A 130 -16.91 15.70 -12.03
CA VAL A 130 -16.49 16.57 -10.94
C VAL A 130 -17.16 17.95 -11.06
N ASP A 131 -17.20 18.48 -12.27
CA ASP A 131 -17.84 19.78 -12.50
C ASP A 131 -19.35 19.73 -12.26
N GLU A 132 -19.98 18.64 -12.68
CA GLU A 132 -21.43 18.50 -12.56
C GLU A 132 -21.91 18.13 -11.15
N GLN A 133 -21.24 17.16 -10.53
CA GLN A 133 -21.69 16.59 -9.26
C GLN A 133 -21.08 17.27 -8.01
N GLN A 134 -20.02 18.05 -8.23
CA GLN A 134 -19.38 18.82 -7.16
C GLN A 134 -19.07 18.02 -5.89
N PRO A 135 -18.22 16.99 -6.00
CA PRO A 135 -17.91 16.22 -4.79
C PRO A 135 -17.17 17.09 -3.78
N ASP A 136 -17.33 16.79 -2.49
CA ASP A 136 -16.65 17.53 -1.45
C ASP A 136 -15.19 17.09 -1.26
N ALA A 137 -14.91 15.84 -1.63
CA ALA A 137 -13.56 15.32 -1.62
C ALA A 137 -13.48 14.11 -2.54
N ALA A 138 -12.27 13.63 -2.79
CA ALA A 138 -12.05 12.45 -3.61
C ALA A 138 -11.08 11.49 -2.95
N LEU A 139 -11.30 10.21 -3.15
CA LEU A 139 -10.36 9.19 -2.71
C LEU A 139 -9.82 8.48 -3.93
N VAL A 140 -8.50 8.35 -4.01
CA VAL A 140 -7.90 7.67 -5.14
C VAL A 140 -7.01 6.54 -4.64
N GLN A 141 -7.26 5.33 -5.13
CA GLN A 141 -6.39 4.21 -4.74
C GLN A 141 -5.18 4.16 -5.65
N HIS A 142 -4.01 4.00 -5.05
CA HIS A 142 -2.76 3.95 -5.81
C HIS A 142 -2.61 2.61 -6.55
N THR A 143 -2.69 1.51 -5.81
CA THR A 143 -2.63 0.19 -6.44
C THR A 143 -3.87 -0.06 -7.29
N ARG A 144 -3.78 -1.05 -8.16
CA ARG A 144 -4.86 -1.38 -9.08
C ARG A 144 -6.01 -2.16 -8.43
N GLN A 145 -7.23 -1.69 -8.65
CA GLN A 145 -8.41 -2.33 -8.08
C GLN A 145 -8.99 -3.39 -9.00
N GLN A 146 -8.63 -3.32 -10.27
CA GLN A 146 -9.09 -4.29 -11.25
C GLN A 146 -8.08 -4.28 -12.40
N PRO A 147 -7.97 -5.40 -13.13
CA PRO A 147 -6.90 -5.57 -14.13
C PRO A 147 -6.85 -4.47 -15.18
N GLN A 148 -8.02 -3.95 -15.56
CA GLN A 148 -8.09 -2.96 -16.62
C GLN A 148 -7.69 -1.54 -16.21
N ASP A 149 -7.46 -1.31 -14.92
CA ASP A 149 -7.11 0.04 -14.46
C ASP A 149 -5.71 0.44 -14.90
N SER A 150 -5.61 1.56 -15.61
CA SER A 150 -4.37 1.97 -16.23
C SER A 150 -4.07 3.44 -15.98
N TYR A 151 -4.90 4.08 -15.16
CA TYR A 151 -4.72 5.51 -14.95
C TYR A 151 -3.40 5.88 -14.27
N VAL A 152 -2.90 7.05 -14.62
CA VAL A 152 -1.70 7.60 -14.01
C VAL A 152 -2.12 8.42 -12.79
N LEU A 153 -1.63 8.02 -11.61
CA LEU A 153 -2.01 8.67 -10.36
C LEU A 153 -1.91 10.19 -10.43
N ALA A 154 -0.76 10.69 -10.87
CA ALA A 154 -0.50 12.13 -10.91
C ALA A 154 -1.51 12.87 -11.78
N ASP A 155 -1.94 12.24 -12.86
CA ASP A 155 -2.87 12.89 -13.79
C ASP A 155 -4.28 12.96 -13.22
N VAL A 156 -4.69 11.92 -12.51
CA VAL A 156 -5.99 11.95 -11.85
C VAL A 156 -5.98 13.03 -10.77
N LEU A 157 -4.89 13.08 -10.00
CA LEU A 157 -4.73 14.08 -8.95
C LEU A 157 -4.71 15.50 -9.50
N ALA A 158 -4.01 15.70 -10.62
CA ALA A 158 -3.94 17.01 -11.25
C ALA A 158 -5.32 17.49 -11.67
N THR A 159 -6.13 16.58 -12.22
CA THR A 159 -7.48 16.92 -12.64
C THR A 159 -8.30 17.37 -11.43
N LEU A 160 -8.18 16.64 -10.34
CA LEU A 160 -8.92 16.93 -9.13
C LEU A 160 -8.50 18.26 -8.52
N ARG A 161 -7.20 18.51 -8.50
CA ARG A 161 -6.67 19.75 -7.97
C ARG A 161 -7.14 20.95 -8.78
N ALA A 162 -7.18 20.80 -10.11
CA ALA A 162 -7.62 21.89 -10.99
C ALA A 162 -9.06 22.26 -10.70
N ALA A 163 -9.87 21.27 -10.35
CA ALA A 163 -11.27 21.50 -10.04
C ALA A 163 -11.48 21.89 -8.57
N GLY A 164 -10.39 21.91 -7.82
CA GLY A 164 -10.44 22.30 -6.42
C GLY A 164 -11.08 21.28 -5.51
N VAL A 165 -11.00 20.01 -5.89
CA VAL A 165 -11.55 18.93 -5.04
C VAL A 165 -10.41 18.31 -4.23
N PRO A 166 -10.49 18.42 -2.89
CA PRO A 166 -9.45 17.85 -2.03
C PRO A 166 -9.34 16.35 -2.26
N ALA A 167 -8.12 15.82 -2.32
CA ALA A 167 -7.91 14.43 -2.66
C ALA A 167 -7.05 13.69 -1.66
N LEU A 168 -7.52 12.50 -1.27
CA LEU A 168 -6.74 11.61 -0.43
C LEU A 168 -6.32 10.41 -1.24
N THR A 169 -5.07 9.97 -1.09
CA THR A 169 -4.67 8.72 -1.74
C THR A 169 -4.47 7.60 -0.72
N ASP A 170 -4.88 6.42 -1.14
CA ASP A 170 -4.65 5.16 -0.44
C ASP A 170 -3.43 4.57 -1.11
N ASP A 171 -2.28 4.67 -0.46
CA ASP A 171 -1.00 4.31 -1.07
C ASP A 171 -0.48 2.96 -0.63
N ASN A 172 -1.31 2.18 0.07
CA ASN A 172 -0.88 0.87 0.54
C ASN A 172 -0.32 -0.02 -0.55
N TYR A 173 0.82 -0.64 -0.25
CA TYR A 173 1.54 -1.55 -1.15
C TYR A 173 2.27 -0.82 -2.28
N ALA A 174 2.20 0.51 -2.29
CA ALA A 174 2.95 1.29 -3.25
C ALA A 174 4.12 2.06 -2.63
N VAL A 175 4.02 2.33 -1.33
CA VAL A 175 5.00 3.19 -0.67
C VAL A 175 6.38 2.57 -0.71
N MSE A 176 7.39 3.37 -1.07
CA MSE A 176 8.77 2.91 -1.22
C MSE A 176 8.99 1.91 -2.36
O MSE A 176 10.07 1.34 -2.47
CB MSE A 176 9.33 2.32 0.09
CG MSE A 176 9.54 3.33 1.19
SE MSE A 176 10.64 4.84 0.57
CE MSE A 176 11.49 5.33 2.26
N LYS A 177 7.97 1.72 -3.18
CA LYS A 177 8.07 0.79 -4.31
C LYS A 177 7.94 1.50 -5.65
N VAL A 178 7.46 2.74 -5.61
CA VAL A 178 7.34 3.58 -6.80
C VAL A 178 7.98 4.94 -6.57
N ALA A 179 8.14 5.72 -7.64
CA ALA A 179 8.85 6.99 -7.53
C ALA A 179 8.13 8.02 -6.64
N ARG A 180 6.82 8.12 -6.78
CA ARG A 180 6.05 9.14 -6.07
C ARG A 180 4.75 8.59 -5.50
N ILE A 181 4.55 8.74 -4.19
CA ILE A 181 3.24 8.46 -3.60
C ILE A 181 2.33 9.67 -3.74
N GLY A 182 1.07 9.54 -3.34
CA GLY A 182 0.06 10.56 -3.62
C GLY A 182 0.46 11.98 -3.23
N CYS A 183 0.94 12.17 -2.01
CA CYS A 183 1.29 13.52 -1.54
C CYS A 183 2.49 14.10 -2.28
N GLU A 184 3.19 13.27 -3.04
CA GLU A 184 4.34 13.73 -3.80
C GLU A 184 3.96 14.08 -5.24
N CYS A 185 2.73 13.78 -5.62
CA CYS A 185 2.31 14.09 -6.98
C CYS A 185 0.89 14.66 -7.08
N GLY A 186 0.48 15.41 -6.06
CA GLY A 186 -0.74 16.18 -6.15
C GLY A 186 -1.81 16.01 -5.09
N ALA A 187 -1.73 14.94 -4.30
CA ALA A 187 -2.74 14.69 -3.28
C ALA A 187 -2.57 15.61 -2.08
N ASN A 188 -3.67 15.92 -1.41
CA ASN A 188 -3.60 16.69 -0.17
C ASN A 188 -3.05 15.86 0.97
N VAL A 189 -3.39 14.58 1.02
CA VAL A 189 -2.73 13.66 1.95
C VAL A 189 -2.60 12.27 1.34
N SER A 190 -1.48 11.63 1.65
CA SER A 190 -1.26 10.20 1.43
C SER A 190 -1.60 9.43 2.69
N THR A 191 -1.98 8.17 2.54
CA THR A 191 -2.19 7.32 3.70
C THR A 191 -1.57 5.95 3.45
N PHE A 192 -1.05 5.34 4.50
CA PHE A 192 -0.54 3.96 4.38
C PHE A 192 -0.34 3.28 5.72
N SER A 193 -0.48 1.94 5.70
CA SER A 193 -0.08 1.09 6.82
C SER A 193 1.43 1.03 6.95
N CYS A 194 1.95 1.22 8.16
CA CYS A 194 3.38 0.99 8.38
C CYS A 194 3.68 -0.49 8.60
N PHE A 195 2.66 -1.27 8.96
CA PHE A 195 2.83 -2.71 9.15
C PHE A 195 3.17 -3.41 7.82
N1 LLP A 196 -6.23 -0.14 1.30
C2 LLP A 196 -5.40 -0.91 0.60
C2' LLP A 196 -5.25 -0.72 -0.87
C3 LLP A 196 -4.68 -1.89 1.28
O3 LLP A 196 -3.82 -2.70 0.59
C4 LLP A 196 -4.82 -2.06 2.66
C4' LLP A 196 -4.00 -3.13 3.35
C5 LLP A 196 -5.72 -1.23 3.35
C6 LLP A 196 -6.41 -0.27 2.61
C5' LLP A 196 -5.98 -1.34 4.81
OP4 LLP A 196 -4.90 -1.30 5.66
P LLP A 196 -4.83 -2.22 6.92
OP1 LLP A 196 -3.59 -1.77 7.67
OP2 LLP A 196 -4.68 -3.64 6.45
OP3 LLP A 196 -6.06 -2.02 7.76
N LLP A 196 2.70 -2.81 6.71
CA LLP A 196 3.01 -3.30 5.40
CB LLP A 196 1.97 -2.85 4.39
CG LLP A 196 0.61 -3.48 4.54
CD LLP A 196 -0.47 -3.05 3.57
CE LLP A 196 -1.75 -3.86 3.66
NZ LLP A 196 -2.75 -3.46 2.69
C LLP A 196 4.34 -2.80 4.91
O LLP A 196 4.72 -3.08 3.78
N LEU A 197 5.05 -2.08 5.78
CA LEU A 197 6.37 -1.55 5.46
C LEU A 197 7.41 -1.97 6.50
N PHE A 198 7.34 -3.23 6.91
CA PHE A 198 8.28 -3.83 7.87
C PHE A 198 8.23 -3.16 9.25
N GLY A 199 7.16 -2.39 9.49
CA GLY A 199 7.01 -1.65 10.73
C GLY A 199 6.14 -2.36 11.75
N PRO A 200 5.77 -1.64 12.82
CA PRO A 200 5.03 -2.20 13.95
C PRO A 200 3.54 -2.43 13.66
N GLU A 201 3.01 -3.47 14.28
CA GLU A 201 1.57 -3.72 14.31
C GLU A 201 0.76 -2.47 14.66
N GLY A 202 -0.33 -2.26 13.93
CA GLY A 202 -1.30 -1.24 14.29
C GLY A 202 -1.04 0.20 13.92
N VAL A 203 0.13 0.48 13.35
CA VAL A 203 0.53 1.86 13.08
C VAL A 203 0.36 2.24 11.63
N GLY A 204 -0.38 3.33 11.40
CA GLY A 204 -0.55 3.87 10.07
C GLY A 204 0.00 5.27 10.00
N ALA A 205 0.14 5.80 8.78
CA ALA A 205 0.65 7.15 8.59
C ALA A 205 -0.25 7.96 7.68
N VAL A 206 -0.48 9.23 8.05
CA VAL A 206 -1.10 10.17 7.13
C VAL A 206 -0.04 11.23 6.86
N VAL A 207 0.23 11.51 5.59
CA VAL A 207 1.33 12.41 5.23
C VAL A 207 0.83 13.42 4.21
N GLY A 208 0.99 14.71 4.48
CA GLY A 208 0.56 15.71 3.51
C GLY A 208 0.44 17.11 4.06
N ASP A 209 -0.60 17.81 3.64
CA ASP A 209 -0.78 19.22 3.97
C ASP A 209 -1.01 19.45 5.46
N ALA A 210 -0.38 20.49 6.00
CA ALA A 210 -0.46 20.82 7.41
C ALA A 210 -1.88 21.06 7.92
N ASP A 211 -2.71 21.75 7.13
CA ASP A 211 -4.07 22.01 7.61
C ASP A 211 -4.82 20.70 7.86
N VAL A 212 -4.63 19.71 6.98
CA VAL A 212 -5.26 18.41 7.18
C VAL A 212 -4.67 17.66 8.38
N ILE A 213 -3.33 17.58 8.43
CA ILE A 213 -2.65 16.88 9.52
C ILE A 213 -3.00 17.50 10.87
N ASN A 214 -3.06 18.83 10.92
CA ASN A 214 -3.41 19.51 12.17
C ASN A 214 -4.83 19.15 12.62
N ARG A 215 -5.75 19.01 11.67
CA ARG A 215 -7.11 18.61 12.02
C ARG A 215 -7.12 17.19 12.59
N ILE A 216 -6.26 16.33 12.05
CA ILE A 216 -6.15 14.98 12.55
C ILE A 216 -5.58 14.99 13.97
N ARG A 217 -4.48 15.71 14.16
CA ARG A 217 -3.84 15.73 15.48
C ARG A 217 -4.78 16.26 16.57
N ALA A 218 -5.65 17.20 16.20
CA ALA A 218 -6.58 17.79 17.16
C ALA A 218 -7.59 16.77 17.72
N THR A 219 -7.82 15.68 16.99
CA THR A 219 -8.77 14.65 17.43
C THR A 219 -8.12 13.59 18.29
N LEU A 220 -6.78 13.60 18.34
CA LEU A 220 -6.04 12.56 19.04
C LEU A 220 -5.81 12.95 20.51
N TYR A 221 -6.90 13.05 21.26
CA TYR A 221 -6.85 13.55 22.62
C TYR A 221 -6.24 12.58 23.64
N SER A 222 -6.51 11.29 23.45
CA SER A 222 -6.30 10.30 24.52
C SER A 222 -4.90 9.72 24.54
N GLY A 223 -4.55 9.10 25.66
CA GLY A 223 -3.30 8.36 25.74
C GLY A 223 -3.22 7.24 24.72
N GLY A 224 -4.31 6.49 24.55
CA GLY A 224 -4.31 5.37 23.62
C GLY A 224 -4.20 5.78 22.16
N SER A 225 -4.58 7.02 21.87
N SER A 225 -4.56 7.01 21.84
CA SER A 225 -4.58 7.54 20.51
CA SER A 225 -4.57 7.44 20.46
C SER A 225 -3.16 7.66 19.96
C SER A 225 -3.17 7.80 19.95
N GLN A 226 -2.19 7.82 20.87
CA GLN A 226 -0.82 8.13 20.49
C GLN A 226 -0.02 6.92 20.05
N ILE A 227 0.96 7.18 19.18
CA ILE A 227 1.94 6.16 18.83
C ILE A 227 3.18 6.42 19.70
N GLN A 228 3.62 5.39 20.43
CA GLN A 228 4.72 5.61 21.37
C GLN A 228 6.08 5.75 20.65
N GLY A 229 7.05 6.38 21.32
CA GLY A 229 8.34 6.66 20.72
C GLY A 229 8.99 5.42 20.11
N ALA A 230 8.94 4.31 20.82
CA ALA A 230 9.58 3.08 20.34
C ALA A 230 8.91 2.57 19.06
N GLN A 231 7.59 2.66 19.03
CA GLN A 231 6.85 2.29 17.82
C GLN A 231 7.22 3.19 16.66
N ALA A 232 7.34 4.49 16.94
CA ALA A 232 7.68 5.45 15.90
C ALA A 232 9.06 5.14 15.32
N LEU A 233 10.02 4.83 16.19
CA LEU A 233 11.36 4.44 15.73
C LEU A 233 11.31 3.16 14.91
N GLU A 234 10.43 2.23 15.28
CA GLU A 234 10.29 1.00 14.49
C GLU A 234 9.73 1.27 13.10
N VAL A 235 8.88 2.28 12.98
CA VAL A 235 8.37 2.68 11.68
C VAL A 235 9.54 3.12 10.80
N LEU A 236 10.42 3.97 11.32
CA LEU A 236 11.59 4.39 10.55
C LEU A 236 12.47 3.22 10.16
N ARG A 237 12.73 2.32 11.11
CA ARG A 237 13.57 1.16 10.85
C ARG A 237 13.03 0.36 9.67
N GLY A 238 11.72 0.11 9.70
CA GLY A 238 11.12 -0.68 8.64
C GLY A 238 11.19 0.04 7.30
N LEU A 239 10.91 1.32 7.34
CA LEU A 239 10.89 2.14 6.13
C LEU A 239 12.27 2.24 5.48
N VAL A 240 13.33 2.30 6.29
CA VAL A 240 14.68 2.34 5.76
C VAL A 240 15.03 1.06 4.98
N PHE A 241 14.54 -0.08 5.47
CA PHE A 241 14.78 -1.38 4.82
C PHE A 241 13.87 -1.56 3.58
N ALA A 242 12.75 -0.85 3.54
CA ALA A 242 11.72 -1.15 2.54
C ALA A 242 12.13 -1.01 1.05
N PRO A 243 12.72 0.14 0.66
CA PRO A 243 12.89 0.30 -0.78
C PRO A 243 13.84 -0.72 -1.41
N VAL A 244 15.02 -0.95 -0.82
CA VAL A 244 15.95 -1.87 -1.44
C VAL A 244 15.42 -3.32 -1.42
N MSE A 245 14.81 -3.72 -0.31
CA MSE A 245 14.32 -5.10 -0.24
C MSE A 245 13.19 -5.32 -1.24
O MSE A 245 13.08 -6.38 -1.84
CB MSE A 245 13.92 -5.48 1.19
CG MSE A 245 15.09 -5.24 2.18
SE MSE A 245 16.65 -6.38 1.86
CE MSE A 245 15.60 -7.98 1.97
N HIS A 246 12.37 -4.30 -1.46
CA HIS A 246 11.34 -4.44 -2.47
C HIS A 246 11.88 -4.38 -3.90
N ALA A 247 12.96 -3.65 -4.13
CA ALA A 247 13.57 -3.63 -5.45
C ALA A 247 14.15 -4.99 -5.75
N VAL A 248 14.69 -5.63 -4.73
CA VAL A 248 15.20 -6.99 -4.89
C VAL A 248 14.02 -7.90 -5.28
N GLN A 249 12.89 -7.73 -4.61
CA GLN A 249 11.72 -8.55 -4.88
C GLN A 249 11.18 -8.31 -6.28
N ALA A 250 11.20 -7.05 -6.71
CA ALA A 250 10.70 -6.70 -8.04
C ALA A 250 11.53 -7.41 -9.11
N GLY A 251 12.83 -7.50 -8.88
CA GLY A 251 13.72 -8.23 -9.77
C GLY A 251 13.40 -9.72 -9.81
N VAL A 252 13.15 -10.29 -8.64
CA VAL A 252 12.76 -11.70 -8.53
C VAL A 252 11.48 -11.96 -9.34
N SER A 253 10.48 -11.11 -9.17
CA SER A 253 9.22 -11.28 -9.89
C SER A 253 9.41 -11.19 -11.40
N GLU A 254 10.24 -10.26 -11.87
CA GLU A 254 10.50 -10.18 -13.31
C GLU A 254 11.25 -11.41 -13.82
N ARG A 255 12.23 -11.88 -13.06
CA ARG A 255 12.98 -13.06 -13.53
C ARG A 255 12.12 -14.32 -13.52
N LEU A 256 11.29 -14.45 -12.49
CA LEU A 256 10.33 -15.54 -12.37
C LEU A 256 9.36 -15.53 -13.55
N LEU A 257 8.81 -14.35 -13.85
CA LEU A 257 7.89 -14.23 -14.98
C LEU A 257 8.53 -14.67 -16.29
N ALA A 258 9.75 -14.23 -16.54
CA ALA A 258 10.46 -14.62 -17.75
C ALA A 258 10.67 -16.13 -17.85
N LEU A 259 11.05 -16.75 -16.74
CA LEU A 259 11.26 -18.19 -16.70
C LEU A 259 9.96 -18.95 -17.00
N LEU A 260 8.85 -18.50 -16.40
CA LEU A 260 7.57 -19.15 -16.62
C LEU A 260 7.12 -18.97 -18.06
N ASN A 261 7.28 -17.77 -18.59
CA ASN A 261 6.94 -17.49 -19.98
C ASN A 261 7.81 -18.27 -20.96
N GLY A 262 8.99 -18.66 -20.50
CA GLY A 262 9.92 -19.43 -21.32
C GLY A 262 9.65 -20.92 -21.26
N GLY A 263 8.66 -21.31 -20.45
CA GLY A 263 8.24 -22.69 -20.39
C GLY A 263 8.91 -23.54 -19.33
N ALA A 264 9.39 -22.90 -18.27
CA ALA A 264 10.07 -23.61 -17.19
C ALA A 264 9.16 -24.64 -16.51
N VAL A 265 7.85 -24.38 -16.53
CA VAL A 265 6.89 -25.28 -15.92
C VAL A 265 5.80 -25.61 -16.93
N PRO A 266 5.91 -26.76 -17.60
CA PRO A 266 4.98 -27.15 -18.67
C PRO A 266 3.52 -27.11 -18.25
N GLU A 267 3.26 -27.39 -16.97
CA GLU A 267 1.88 -27.43 -16.47
C GLU A 267 1.27 -26.03 -16.32
N VAL A 268 2.07 -24.98 -16.48
CA VAL A 268 1.57 -23.61 -16.44
C VAL A 268 1.09 -23.13 -17.80
N LYS A 269 -0.15 -22.64 -17.84
CA LYS A 269 -0.78 -22.15 -19.06
C LYS A 269 -0.44 -20.68 -19.32
N SER A 270 -0.44 -19.86 -18.28
CA SER A 270 -0.12 -18.46 -18.46
C SER A 270 0.42 -17.87 -17.18
N ALA A 271 1.18 -16.79 -17.30
CA ALA A 271 1.68 -16.09 -16.13
C ALA A 271 1.76 -14.61 -16.45
N VAL A 272 1.39 -13.77 -15.50
CA VAL A 272 1.46 -12.34 -15.69
C VAL A 272 1.82 -11.69 -14.36
N ILE A 273 2.48 -10.54 -14.41
CA ILE A 273 2.63 -9.69 -13.24
C ILE A 273 1.47 -8.71 -13.20
N ALA A 274 0.84 -8.59 -12.04
CA ALA A 274 -0.28 -7.68 -11.88
C ALA A 274 -0.25 -7.05 -10.50
N ASN A 275 -0.82 -5.86 -10.40
CA ASN A 275 -1.10 -5.30 -9.09
C ASN A 275 -2.44 -5.84 -8.61
N ALA A 276 -2.36 -6.86 -7.76
CA ALA A 276 -3.55 -7.58 -7.32
C ALA A 276 -3.55 -7.86 -5.81
N GLN A 277 -3.59 -6.84 -4.97
CA GLN A 277 -3.53 -5.44 -5.38
C GLN A 277 -2.09 -4.96 -5.32
N SER A 278 -1.28 -5.63 -4.50
CA SER A 278 0.16 -5.39 -4.54
C SER A 278 0.70 -6.07 -5.78
N LYS A 279 1.89 -5.66 -6.23
CA LYS A 279 2.45 -6.22 -7.44
C LYS A 279 2.96 -7.63 -7.17
N VAL A 280 2.35 -8.61 -7.83
CA VAL A 280 2.60 -10.03 -7.60
C VAL A 280 2.48 -10.78 -8.93
N LEU A 281 2.75 -12.09 -8.90
CA LEU A 281 2.53 -12.93 -10.07
C LEU A 281 1.17 -13.62 -10.01
N ILE A 282 0.50 -13.69 -11.15
N ILE A 282 0.51 -13.68 -11.16
CA ILE A 282 -0.68 -14.52 -11.28
CA ILE A 282 -0.68 -14.49 -11.32
C ILE A 282 -0.35 -15.68 -12.19
C ILE A 282 -0.29 -15.68 -12.18
N VAL A 283 -0.45 -16.89 -11.66
CA VAL A 283 -0.05 -18.09 -12.38
C VAL A 283 -1.24 -18.98 -12.63
N GLU A 284 -1.50 -19.29 -13.90
CA GLU A 284 -2.64 -20.12 -14.29
C GLU A 284 -2.13 -21.44 -14.83
N PHE A 285 -2.77 -22.53 -14.41
CA PHE A 285 -2.40 -23.87 -14.86
C PHE A 285 -3.34 -24.36 -15.96
N HIS A 286 -2.86 -25.32 -16.75
CA HIS A 286 -3.68 -25.91 -17.81
C HIS A 286 -4.86 -26.69 -17.23
N GLN A 287 -4.60 -27.35 -16.12
CA GLN A 287 -5.60 -28.17 -15.45
C GLN A 287 -6.01 -27.49 -14.16
N PRO A 288 -7.24 -27.79 -13.68
CA PRO A 288 -7.77 -27.15 -12.47
C PRO A 288 -7.15 -27.73 -11.20
N ILE A 289 -5.88 -27.42 -10.98
CA ILE A 289 -5.12 -27.99 -9.87
C ILE A 289 -4.69 -26.94 -8.85
N ALA A 290 -5.26 -25.75 -8.95
CA ALA A 290 -4.80 -24.62 -8.13
C ALA A 290 -4.87 -24.91 -6.64
N ALA A 291 -6.00 -25.44 -6.19
CA ALA A 291 -6.18 -25.71 -4.76
C ALA A 291 -5.20 -26.76 -4.27
N ARG A 292 -5.02 -27.82 -5.06
CA ARG A 292 -4.05 -28.86 -4.72
C ARG A 292 -2.61 -28.33 -4.70
N VAL A 293 -2.27 -27.45 -5.65
CA VAL A 293 -0.93 -26.87 -5.68
C VAL A 293 -0.70 -26.03 -4.44
N LEU A 294 -1.72 -25.27 -4.04
CA LEU A 294 -1.59 -24.41 -2.86
C LEU A 294 -1.35 -25.25 -1.61
N GLU A 295 -2.06 -26.37 -1.51
CA GLU A 295 -1.89 -27.28 -0.37
C GLU A 295 -0.47 -27.85 -0.33
N GLU A 296 0.00 -28.33 -1.47
CA GLU A 296 1.34 -28.90 -1.53
C GLU A 296 2.43 -27.85 -1.32
N ALA A 297 2.18 -26.62 -1.79
CA ALA A 297 3.19 -25.57 -1.66
C ALA A 297 3.41 -25.19 -0.20
N GLN A 298 2.33 -25.19 0.58
CA GLN A 298 2.44 -24.83 1.99
C GLN A 298 3.35 -25.82 2.72
N LYS A 299 3.27 -27.10 2.33
CA LYS A 299 4.09 -28.11 2.98
C LYS A 299 5.56 -27.86 2.69
N ARG A 300 5.82 -27.24 1.55
CA ARG A 300 7.19 -26.97 1.11
C ARG A 300 7.63 -25.54 1.41
N GLY A 301 6.97 -24.92 2.38
CA GLY A 301 7.45 -23.65 2.92
C GLY A 301 6.75 -22.38 2.47
N ALA A 302 5.87 -22.48 1.47
CA ALA A 302 5.12 -21.30 1.04
C ALA A 302 4.16 -20.86 2.14
N LEU A 303 4.06 -19.56 2.37
CA LEU A 303 3.06 -19.05 3.29
C LEU A 303 1.66 -19.29 2.70
N PRO A 304 0.73 -19.78 3.52
CA PRO A 304 -0.59 -20.12 3.01
C PRO A 304 -1.63 -19.00 3.12
N TYR A 305 -1.32 -17.96 3.88
CA TYR A 305 -2.21 -16.80 3.99
C TYR A 305 -1.34 -15.64 4.43
N PRO A 306 -1.83 -14.40 4.19
CA PRO A 306 -1.00 -13.24 4.53
C PRO A 306 -1.17 -12.79 5.97
N VAL A 307 -0.27 -11.89 6.38
CA VAL A 307 -0.36 -11.25 7.68
C VAL A 307 -0.58 -9.75 7.48
N GLY A 308 0.40 -9.10 6.87
CA GLY A 308 0.35 -7.67 6.63
C GLY A 308 -0.58 -7.24 5.48
N ALA A 309 -0.33 -7.68 4.26
CA ALA A 309 0.82 -8.51 3.88
C ALA A 309 2.10 -7.69 3.81
N GLU A 310 3.18 -8.33 3.33
CA GLU A 310 4.48 -7.67 3.20
C GLU A 310 5.03 -7.14 4.53
N SER A 311 4.65 -7.81 5.62
CA SER A 311 5.12 -7.42 6.94
C SER A 311 6.50 -8.01 7.20
N LYS A 312 7.12 -7.56 8.28
CA LYS A 312 8.42 -8.08 8.70
C LYS A 312 8.42 -9.59 8.93
N TYR A 313 7.24 -10.18 9.14
CA TYR A 313 7.14 -11.61 9.43
C TYR A 313 7.13 -12.44 8.15
N GLU A 314 6.81 -11.82 7.03
CA GLU A 314 6.50 -12.60 5.84
C GLU A 314 7.70 -12.75 4.92
N ILE A 315 8.53 -13.72 5.28
CA ILE A 315 9.80 -13.94 4.60
C ILE A 315 9.71 -14.95 3.43
N PRO A 316 9.19 -16.17 3.68
CA PRO A 316 9.02 -17.12 2.57
C PRO A 316 7.96 -16.60 1.59
N PRO A 317 7.94 -17.13 0.37
CA PRO A 317 6.97 -16.63 -0.61
C PRO A 317 5.56 -17.00 -0.22
N LEU A 318 4.60 -16.12 -0.54
CA LEU A 318 3.18 -16.41 -0.32
C LEU A 318 2.60 -17.02 -1.60
N PHE A 319 2.03 -18.21 -1.48
CA PHE A 319 1.24 -18.85 -2.55
C PHE A 319 -0.20 -18.84 -2.04
N TYR A 320 -1.09 -18.11 -2.73
CA TYR A 320 -2.38 -17.75 -2.15
C TYR A 320 -3.49 -17.83 -3.20
N ARG A 321 -4.72 -17.94 -2.74
CA ARG A 321 -5.88 -17.85 -3.63
C ARG A 321 -5.98 -16.48 -4.30
N LEU A 322 -6.83 -16.38 -5.32
CA LEU A 322 -7.11 -15.12 -5.99
C LEU A 322 -7.96 -14.21 -5.11
N SER A 323 -7.98 -12.92 -5.42
CA SER A 323 -8.72 -11.95 -4.62
C SER A 323 -10.21 -12.14 -4.74
N GLY A 324 -10.95 -11.70 -3.72
CA GLY A 324 -12.39 -11.80 -3.73
C GLY A 324 -13.04 -11.14 -4.93
N THR A 325 -12.65 -9.91 -5.21
CA THR A 325 -13.24 -9.16 -6.32
C THR A 325 -12.98 -9.83 -7.66
N PHE A 326 -11.77 -10.37 -7.82
CA PHE A 326 -11.42 -11.04 -9.07
C PHE A 326 -12.23 -12.33 -9.23
N ARG A 327 -12.32 -13.09 -8.15
CA ARG A 327 -13.11 -14.33 -8.18
C ARG A 327 -14.59 -14.07 -8.46
N GLN A 328 -15.11 -12.96 -7.94
CA GLN A 328 -16.49 -12.57 -8.22
C GLN A 328 -16.68 -12.30 -9.72
N ALA A 329 -15.70 -11.64 -10.32
CA ALA A 329 -15.78 -11.26 -11.73
C ALA A 329 -15.50 -12.45 -12.65
N ASN A 330 -14.71 -13.39 -12.14
CA ASN A 330 -14.24 -14.54 -12.91
C ASN A 330 -14.38 -15.82 -12.08
N PRO A 331 -15.62 -16.32 -11.98
CA PRO A 331 -15.97 -17.39 -11.03
C PRO A 331 -15.23 -18.72 -11.24
N GLN A 332 -14.70 -18.96 -12.45
CA GLN A 332 -14.02 -20.23 -12.69
C GLN A 332 -12.52 -20.17 -12.45
N SER A 333 -11.96 -18.95 -12.39
CA SER A 333 -10.50 -18.78 -12.30
C SER A 333 -9.88 -19.38 -11.06
N GLU A 334 -10.61 -19.39 -9.95
CA GLU A 334 -10.06 -19.89 -8.70
C GLU A 334 -9.63 -21.36 -8.78
N HIS A 335 -10.19 -22.10 -9.73
CA HIS A 335 -9.85 -23.51 -9.84
C HIS A 335 -8.54 -23.72 -10.58
N CYS A 336 -8.11 -22.70 -11.32
CA CYS A 336 -6.98 -22.81 -12.24
C CYS A 336 -5.78 -21.90 -11.93
N ALA A 337 -6.00 -20.83 -11.17
CA ALA A 337 -4.93 -19.84 -11.00
C ALA A 337 -4.69 -19.43 -9.56
N ILE A 338 -3.47 -18.97 -9.27
CA ILE A 338 -3.08 -18.59 -7.94
C ILE A 338 -2.30 -17.28 -7.98
N ARG A 339 -2.18 -16.63 -6.83
CA ARG A 339 -1.28 -15.48 -6.68
C ARG A 339 0.00 -15.91 -5.98
N ILE A 340 1.13 -15.38 -6.43
CA ILE A 340 2.41 -15.60 -5.75
C ILE A 340 3.09 -14.27 -5.45
N ASN A 341 3.35 -14.02 -4.17
CA ASN A 341 4.16 -12.87 -3.77
C ASN A 341 5.47 -13.44 -3.23
N PRO A 342 6.55 -13.26 -4.00
CA PRO A 342 7.83 -13.88 -3.61
C PRO A 342 8.36 -13.43 -2.25
N ASN A 343 7.89 -12.30 -1.73
CA ASN A 343 8.45 -11.79 -0.48
C ASN A 343 9.97 -11.75 -0.55
N ARG A 344 10.67 -12.38 0.38
CA ARG A 344 12.13 -12.27 0.43
C ARG A 344 12.84 -13.40 -0.30
N SER A 345 12.07 -14.28 -0.94
CA SER A 345 12.65 -15.44 -1.64
C SER A 345 13.16 -15.08 -3.02
N GLY A 346 13.93 -15.99 -3.60
CA GLY A 346 14.41 -15.86 -4.97
C GLY A 346 13.56 -16.68 -5.92
N GLU A 347 13.77 -16.45 -7.21
CA GLU A 347 12.90 -17.06 -8.22
C GLU A 347 13.13 -18.55 -8.31
N GLU A 348 14.36 -18.99 -8.05
CA GLU A 348 14.62 -20.42 -8.16
C GLU A 348 13.89 -21.20 -7.06
N THR A 349 13.76 -20.59 -5.89
CA THR A 349 12.98 -21.18 -4.80
C THR A 349 11.50 -21.28 -5.17
N VAL A 350 10.96 -20.20 -5.72
CA VAL A 350 9.54 -20.21 -6.09
C VAL A 350 9.29 -21.26 -7.18
N LEU A 351 10.19 -21.32 -8.15
CA LEU A 351 10.07 -22.30 -9.24
C LEU A 351 10.17 -23.72 -8.71
N ARG A 352 11.08 -23.95 -7.77
CA ARG A 352 11.24 -25.27 -7.18
C ARG A 352 10.00 -25.69 -6.41
N ILE A 353 9.48 -24.80 -5.58
CA ILE A 353 8.28 -25.12 -4.82
C ILE A 353 7.11 -25.40 -5.77
N LEU A 354 7.00 -24.59 -6.82
CA LEU A 354 5.98 -24.82 -7.84
C LEU A 354 6.09 -26.20 -8.47
N ARG A 355 7.30 -26.55 -8.92
CA ARG A 355 7.51 -27.84 -9.59
C ARG A 355 7.29 -29.02 -8.67
N GLU A 356 7.83 -28.94 -7.45
CA GLU A 356 7.68 -30.03 -6.49
C GLU A 356 6.22 -30.23 -6.08
N SER A 357 5.50 -29.12 -5.94
CA SER A 357 4.08 -29.18 -5.56
C SER A 357 3.25 -29.83 -6.67
N ILE A 358 3.48 -29.41 -7.91
CA ILE A 358 2.80 -30.00 -9.05
C ILE A 358 3.08 -31.50 -9.20
N ALA A 359 4.33 -31.88 -8.94
CA ALA A 359 4.73 -33.28 -9.05
C ALA A 359 4.07 -34.14 -7.98
N SER A 360 3.59 -33.51 -6.91
CA SER A 360 3.15 -34.22 -5.72
C SER A 360 1.63 -34.30 -5.58
N ILE A 361 0.90 -33.61 -6.45
CA ILE A 361 -0.55 -33.60 -6.36
C ILE A 361 -1.13 -34.98 -6.72
NI NI B . -7.88 -24.81 -15.68
C ACY C . -6.58 -11.20 -8.34
O ACY C . -7.06 -10.07 -8.16
OXT ACY C . -6.58 -12.12 -7.50
CH3 ACY C . -5.94 -11.48 -9.67
C ACY D . 13.59 14.34 22.70
O ACY D . 13.40 13.86 23.83
OXT ACY D . 13.57 13.66 21.64
CH3 ACY D . 13.82 15.81 22.59
C ACY E . 5.96 -2.64 -7.08
O ACY E . 5.15 -3.09 -6.23
OXT ACY E . 7.03 -3.22 -7.38
CH3 ACY E . 5.64 -1.33 -7.73
C1 PEG F . -0.97 -11.34 -2.64
O1 PEG F . -0.13 -10.42 -1.94
C2 PEG F . -2.19 -11.69 -1.79
O2 PEG F . -2.10 -10.99 -0.55
C3 PEG F . -3.26 -10.23 -0.24
C4 PEG F . -2.80 -8.83 0.11
O4 PEG F . -3.74 -8.17 0.97
#